data_7MEV
#
_entry.id   7MEV
#
_cell.length_a   39.242
_cell.length_b   74.447
_cell.length_c   45.279
_cell.angle_alpha   90.000
_cell.angle_beta   111.610
_cell.angle_gamma   90.000
#
_symmetry.space_group_name_H-M   'P 1 21 1'
#
loop_
_entity.id
_entity.type
_entity.pdbx_description
1 polymer 'DNA-(apurinic or apyrimidinic site) endonuclease, mitochondrial'
2 non-polymer 'MAGNESIUM ION'
3 non-polymer GLYCEROL
4 water water
#
_entity_poly.entity_id   1
_entity_poly.type   'polypeptide(L)'
_entity_poly.pdbx_seq_one_letter_code
;MLYEDPPDQKTSPSGKPATLKICSWNVDGLRAWIKKKGLDWVKEEAPDILCLQETKCSENKLPAELQELPGLSHQYWSAP
SDKEGYSGVGLLSRQAPLKVSYGIGDEEHDQEGRVIVAEFDSFVLVTAYVPNAGRGLVRLEYRQRWDEAFRKFLKGLASR
KPLVLCGDLNVAHEEIDLRNPKGNKKNAGFTPQERQGFGELLQAVPLADSFRHLYPNTPYAYTFWTYMMNARSKNVGWRL
DYFLLSHSLLPALCDSKIRSKALGSDHCPITLYLAL
;
_entity_poly.pdbx_strand_id   A
#
loop_
_chem_comp.id
_chem_comp.type
_chem_comp.name
_chem_comp.formula
GOL non-polymer GLYCEROL 'C3 H8 O3'
MG non-polymer 'MAGNESIUM ION' 'Mg 2'
#
# COMPACT_ATOMS: atom_id res chain seq x y z
N LEU A 2 18.07 -10.21 10.37
CA LEU A 2 19.00 -9.18 9.91
C LEU A 2 18.30 -7.81 9.70
N TYR A 3 17.05 -7.68 10.17
CA TYR A 3 16.33 -6.40 10.04
C TYR A 3 15.51 -6.04 11.27
N GLU A 4 15.75 -4.82 11.78
CA GLU A 4 14.91 -4.18 12.77
C GLU A 4 14.60 -2.77 12.30
N ASP A 5 13.32 -2.46 12.12
CA ASP A 5 12.94 -1.14 11.66
C ASP A 5 13.42 -0.08 12.66
N PRO A 6 14.05 0.99 12.19
CA PRO A 6 14.61 2.01 13.14
C PRO A 6 13.50 2.77 13.85
N PRO A 7 13.82 3.50 14.92
CA PRO A 7 12.79 4.22 15.66
C PRO A 7 12.07 5.24 14.78
N ASP A 8 10.84 5.57 15.18
CA ASP A 8 10.02 6.51 14.40
C ASP A 8 10.64 7.90 14.42
N GLN A 9 10.93 8.43 13.23
CA GLN A 9 11.44 9.79 13.09
C GLN A 9 10.23 10.71 12.89
N LYS A 10 9.94 11.55 13.88
CA LYS A 10 8.69 12.30 13.88
C LYS A 10 8.90 13.80 13.71
N THR A 11 10.06 14.20 13.18
CA THR A 11 10.27 15.56 12.70
C THR A 11 10.82 15.50 11.29
N SER A 12 10.52 16.54 10.52
CA SER A 12 10.90 16.63 9.13
C SER A 12 12.38 17.01 9.01
N PRO A 13 12.94 17.03 7.80
CA PRO A 13 14.33 17.47 7.66
C PRO A 13 14.60 18.84 8.26
N SER A 14 13.59 19.69 8.30
CA SER A 14 13.73 21.04 8.85
C SER A 14 13.27 21.15 10.29
N GLY A 15 13.02 20.03 10.97
CA GLY A 15 12.64 20.08 12.37
C GLY A 15 11.18 20.28 12.65
N LYS A 16 10.33 20.21 11.64
CA LYS A 16 8.91 20.39 11.87
C LYS A 16 8.25 19.08 12.31
N PRO A 17 7.35 19.15 13.30
CA PRO A 17 6.76 17.91 13.84
C PRO A 17 5.81 17.25 12.85
N ALA A 18 5.84 15.92 12.83
CA ALA A 18 4.84 15.18 12.06
C ALA A 18 3.45 15.45 12.60
N THR A 19 2.48 15.58 11.69
CA THR A 19 1.10 15.83 12.06
C THR A 19 0.12 14.91 11.34
N LEU A 20 0.57 14.15 10.35
CA LEU A 20 -0.31 13.28 9.58
C LEU A 20 0.32 11.89 9.57
N LYS A 21 -0.45 10.89 10.02
CA LYS A 21 0.02 9.51 10.13
C LYS A 21 -0.91 8.62 9.31
N ILE A 22 -0.36 7.99 8.27
CA ILE A 22 -1.14 7.15 7.37
C ILE A 22 -0.61 5.73 7.50
N CYS A 23 -1.52 4.76 7.69
CA CYS A 23 -1.15 3.36 7.76
C CYS A 23 -1.77 2.61 6.60
N SER A 24 -1.02 1.70 6.00
CA SER A 24 -1.49 0.89 4.88
C SER A 24 -1.22 -0.58 5.18
N TRP A 25 -2.17 -1.45 4.86
CA TRP A 25 -2.03 -2.85 5.24
C TRP A 25 -2.82 -3.75 4.31
N ASN A 26 -2.15 -4.69 3.65
CA ASN A 26 -2.85 -5.80 3.01
C ASN A 26 -3.24 -6.79 4.10
N VAL A 27 -4.55 -6.90 4.37
CA VAL A 27 -5.01 -7.64 5.54
C VAL A 27 -5.36 -9.10 5.24
N ASP A 28 -5.29 -9.51 3.99
CA ASP A 28 -5.62 -10.89 3.58
C ASP A 28 -6.98 -11.34 4.09
N GLY A 29 -7.97 -10.50 3.89
CA GLY A 29 -9.32 -10.81 4.31
C GLY A 29 -9.68 -10.12 5.61
N LEU A 30 -10.60 -9.15 5.53
CA LEU A 30 -10.95 -8.36 6.70
C LEU A 30 -11.36 -9.25 7.87
N ARG A 31 -12.12 -10.31 7.61
CA ARG A 31 -12.64 -11.13 8.69
C ARG A 31 -11.58 -12.03 9.30
N ALA A 32 -10.73 -12.64 8.48
CA ALA A 32 -9.62 -13.41 9.01
C ALA A 32 -8.67 -12.52 9.79
N TRP A 33 -8.42 -11.32 9.27
CA TRP A 33 -7.53 -10.34 9.91
C TRP A 33 -8.00 -10.01 11.31
N ILE A 34 -9.30 -9.82 11.49
CA ILE A 34 -9.85 -9.60 12.84
C ILE A 34 -9.61 -10.82 13.72
N LYS A 35 -9.97 -12.01 13.23
CA LYS A 35 -9.73 -13.21 14.02
C LYS A 35 -8.26 -13.38 14.37
N LYS A 36 -7.36 -12.85 13.53
CA LYS A 36 -5.93 -12.88 13.79
C LYS A 36 -5.44 -11.63 14.54
N LYS A 37 -6.37 -10.87 15.14
CA LYS A 37 -6.08 -9.75 16.05
C LYS A 37 -5.36 -8.60 15.34
N GLY A 38 -5.72 -8.40 14.07
CA GLY A 38 -5.18 -7.26 13.34
C GLY A 38 -5.72 -5.92 13.81
N LEU A 39 -6.96 -5.89 14.30
CA LEU A 39 -7.60 -4.63 14.69
C LEU A 39 -7.03 -4.07 16.00
N ASP A 40 -6.64 -4.94 16.93
CA ASP A 40 -6.03 -4.44 18.17
C ASP A 40 -4.82 -3.57 17.84
N TRP A 41 -4.08 -3.95 16.81
CA TRP A 41 -2.89 -3.22 16.44
C TRP A 41 -3.24 -1.84 15.89
N VAL A 42 -4.29 -1.76 15.07
CA VAL A 42 -4.70 -0.47 14.53
C VAL A 42 -5.01 0.50 15.67
N LYS A 43 -5.65 0.01 16.73
CA LYS A 43 -5.99 0.87 17.85
C LYS A 43 -4.74 1.44 18.52
N GLU A 44 -3.68 0.65 18.61
CA GLU A 44 -2.43 1.14 19.18
C GLU A 44 -1.76 2.15 18.25
N GLU A 45 -1.76 1.86 16.95
CA GLU A 45 -1.07 2.73 16.00
C GLU A 45 -1.77 4.08 15.87
N ALA A 46 -3.09 4.10 16.01
CA ALA A 46 -3.88 5.33 15.96
C ALA A 46 -3.52 6.23 14.77
N PRO A 47 -3.60 5.71 13.55
CA PRO A 47 -3.33 6.55 12.37
C PRO A 47 -4.48 7.52 12.11
N ASP A 48 -4.15 8.60 11.43
CA ASP A 48 -5.21 9.50 10.95
C ASP A 48 -5.93 8.92 9.75
N ILE A 49 -5.24 8.11 8.95
CA ILE A 49 -5.85 7.48 7.78
C ILE A 49 -5.36 6.04 7.75
N LEU A 50 -6.26 5.11 7.46
CA LEU A 50 -5.93 3.70 7.38
C LEU A 50 -6.38 3.21 6.01
N CYS A 51 -5.45 2.65 5.24
CA CYS A 51 -5.75 2.08 3.93
C CYS A 51 -5.58 0.57 4.01
N LEU A 52 -6.59 -0.17 3.56
CA LEU A 52 -6.58 -1.62 3.66
C LEU A 52 -6.70 -2.25 2.27
N GLN A 53 -5.93 -3.29 2.02
CA GLN A 53 -6.03 -4.02 0.77
C GLN A 53 -6.36 -5.48 1.01
N GLU A 54 -6.96 -6.08 -0.02
CA GLU A 54 -7.47 -7.45 0.08
C GLU A 54 -8.46 -7.59 1.23
N THR A 55 -9.44 -6.69 1.26
CA THR A 55 -10.49 -6.79 2.26
C THR A 55 -11.33 -8.05 2.05
N LYS A 56 -11.46 -8.50 0.81
CA LYS A 56 -12.32 -9.64 0.45
C LYS A 56 -13.76 -9.40 0.94
N CYS A 57 -14.18 -8.14 0.91
CA CYS A 57 -15.45 -7.71 1.50
C CYS A 57 -16.07 -6.62 0.66
N SER A 58 -17.38 -6.45 0.80
CA SER A 58 -18.12 -5.41 0.08
C SER A 58 -18.37 -4.22 1.00
N GLU A 59 -18.88 -3.14 0.41
CA GLU A 59 -19.52 -2.15 1.26
C GLU A 59 -20.85 -2.66 1.81
N ASN A 60 -21.31 -3.82 1.32
CA ASN A 60 -22.62 -4.39 1.69
C ASN A 60 -22.55 -5.40 2.82
N LYS A 61 -21.37 -5.90 3.21
CA LYS A 61 -21.27 -7.00 4.17
C LYS A 61 -20.13 -6.77 5.16
N LEU A 62 -20.03 -5.56 5.69
CA LEU A 62 -18.88 -5.23 6.53
C LEU A 62 -19.08 -5.69 7.97
N PRO A 63 -17.99 -6.01 8.67
CA PRO A 63 -18.09 -6.32 10.10
C PRO A 63 -18.42 -5.08 10.91
N ALA A 64 -19.09 -5.30 12.05
CA ALA A 64 -19.61 -4.20 12.85
C ALA A 64 -18.54 -3.56 13.74
N GLU A 65 -17.40 -4.23 13.93
CA GLU A 65 -16.31 -3.61 14.68
C GLU A 65 -15.85 -2.31 14.04
N LEU A 66 -15.88 -2.24 12.70
CA LEU A 66 -15.43 -1.03 12.01
C LEU A 66 -16.26 0.18 12.43
N GLN A 67 -17.56 -0.01 12.66
CA GLN A 67 -18.44 1.10 13.01
C GLN A 67 -18.11 1.70 14.37
N GLU A 68 -17.35 1.00 15.20
CA GLU A 68 -17.01 1.48 16.54
C GLU A 68 -15.53 1.82 16.68
N LEU A 69 -14.77 1.81 15.58
CA LEU A 69 -13.39 2.30 15.58
C LEU A 69 -13.41 3.81 15.72
N PRO A 70 -13.12 4.35 16.90
CA PRO A 70 -13.12 5.82 17.04
C PRO A 70 -11.86 6.37 16.42
N GLY A 71 -12.00 7.53 15.78
CA GLY A 71 -10.87 8.13 15.09
C GLY A 71 -10.77 7.77 13.63
N LEU A 72 -11.65 6.92 13.12
CA LEU A 72 -11.62 6.54 11.72
C LEU A 72 -13.05 6.38 11.20
N SER A 73 -13.86 7.42 11.37
CA SER A 73 -15.29 7.32 11.15
C SER A 73 -15.71 7.53 9.69
N HIS A 74 -14.83 8.05 8.84
CA HIS A 74 -15.13 8.22 7.42
C HIS A 74 -14.54 7.03 6.66
N GLN A 75 -15.41 6.16 6.17
CA GLN A 75 -14.97 4.85 5.68
C GLN A 75 -15.52 4.63 4.28
N TYR A 76 -14.63 4.27 3.37
CA TYR A 76 -14.98 4.08 1.97
C TYR A 76 -14.45 2.73 1.52
N TRP A 77 -15.24 2.01 0.73
CA TRP A 77 -14.92 0.63 0.41
C TRP A 77 -15.18 0.36 -1.06
N SER A 78 -14.40 -0.57 -1.62
CA SER A 78 -14.61 -0.97 -3.01
C SER A 78 -14.35 -2.46 -3.12
N ALA A 79 -15.28 -3.16 -3.76
CA ALA A 79 -15.18 -4.60 -3.95
C ALA A 79 -15.38 -4.92 -5.42
N PRO A 80 -14.97 -6.11 -5.85
CA PRO A 80 -15.13 -6.47 -7.27
C PRO A 80 -16.57 -6.36 -7.73
N SER A 81 -16.74 -6.22 -9.05
CA SER A 81 -18.08 -6.11 -9.62
C SER A 81 -18.73 -7.46 -9.89
N ASP A 82 -17.99 -8.57 -9.79
CA ASP A 82 -18.55 -9.87 -10.11
C ASP A 82 -18.76 -10.65 -8.82
N LYS A 83 -17.81 -11.47 -8.38
CA LYS A 83 -17.95 -12.25 -7.16
C LYS A 83 -17.39 -11.47 -5.98
N GLU A 84 -17.74 -11.92 -4.79
CA GLU A 84 -17.14 -11.37 -3.60
C GLU A 84 -16.26 -12.43 -2.97
N GLY A 85 -15.44 -11.99 -2.01
CA GLY A 85 -14.47 -12.85 -1.39
C GLY A 85 -13.07 -12.76 -1.95
N TYR A 86 -12.78 -11.76 -2.79
CA TYR A 86 -11.42 -11.61 -3.30
C TYR A 86 -11.14 -10.14 -3.55
N SER A 87 -9.85 -9.80 -3.55
CA SER A 87 -9.41 -8.41 -3.75
C SER A 87 -10.13 -7.48 -2.78
N GLY A 88 -10.45 -6.26 -3.20
CA GLY A 88 -11.17 -5.31 -2.37
C GLY A 88 -10.24 -4.41 -1.58
N VAL A 89 -10.61 -3.12 -1.44
CA VAL A 89 -9.81 -2.15 -0.70
C VAL A 89 -10.72 -1.28 0.15
N GLY A 90 -10.11 -0.67 1.17
CA GLY A 90 -10.81 0.25 2.04
C GLY A 90 -9.96 1.45 2.38
N LEU A 91 -10.62 2.57 2.67
CA LEU A 91 -9.92 3.76 3.10
C LEU A 91 -10.72 4.37 4.23
N LEU A 92 -10.10 4.50 5.40
CA LEU A 92 -10.77 4.97 6.61
C LEU A 92 -10.03 6.21 7.08
N SER A 93 -10.76 7.28 7.38
CA SER A 93 -10.13 8.57 7.63
C SER A 93 -10.78 9.25 8.83
N ARG A 94 -9.95 9.86 9.67
CA ARG A 94 -10.47 10.69 10.76
C ARG A 94 -11.17 11.92 10.21
N GLN A 95 -10.54 12.59 9.24
CA GLN A 95 -11.07 13.76 8.56
C GLN A 95 -11.85 13.33 7.32
N ALA A 96 -12.95 14.03 7.02
CA ALA A 96 -13.66 13.73 5.78
C ALA A 96 -12.86 14.23 4.58
N PRO A 97 -12.57 13.39 3.59
CA PRO A 97 -11.97 13.89 2.35
C PRO A 97 -12.89 14.85 1.64
N LEU A 98 -12.30 15.72 0.83
CA LEU A 98 -13.10 16.63 0.01
C LEU A 98 -13.87 15.89 -1.07
N LYS A 99 -13.34 14.76 -1.53
CA LYS A 99 -13.96 13.98 -2.59
C LYS A 99 -13.37 12.57 -2.55
N VAL A 100 -14.23 11.57 -2.75
CA VAL A 100 -13.79 10.18 -2.84
C VAL A 100 -14.27 9.63 -4.18
N SER A 101 -13.37 8.99 -4.91
CA SER A 101 -13.74 8.33 -6.16
C SER A 101 -13.14 6.93 -6.16
N TYR A 102 -13.64 6.12 -7.08
CA TYR A 102 -13.28 4.70 -7.15
C TYR A 102 -12.74 4.35 -8.51
N GLY A 103 -11.66 3.57 -8.52
CA GLY A 103 -11.08 3.10 -9.75
C GLY A 103 -10.18 4.14 -10.38
N ILE A 104 -9.74 3.82 -11.60
CA ILE A 104 -8.76 4.64 -12.31
C ILE A 104 -9.32 5.18 -13.62
N GLY A 105 -10.64 5.23 -13.74
CA GLY A 105 -11.28 5.79 -14.92
C GLY A 105 -11.13 4.93 -16.16
N ASP A 106 -11.10 3.61 -15.99
CA ASP A 106 -10.90 2.71 -17.12
C ASP A 106 -11.69 1.44 -16.79
N GLU A 107 -12.78 1.20 -17.54
CA GLU A 107 -13.64 0.07 -17.22
C GLU A 107 -12.88 -1.25 -17.22
N GLU A 108 -11.85 -1.38 -18.08
CA GLU A 108 -11.09 -2.63 -18.12
C GLU A 108 -10.51 -2.96 -16.76
N HIS A 109 -10.07 -1.94 -16.03
CA HIS A 109 -9.26 -2.10 -14.84
C HIS A 109 -10.02 -1.79 -13.56
N ASP A 110 -11.33 -1.55 -13.67
CA ASP A 110 -12.12 -1.06 -12.55
C ASP A 110 -13.13 -2.06 -12.02
N GLN A 111 -12.96 -3.35 -12.31
CA GLN A 111 -13.95 -4.37 -11.95
C GLN A 111 -13.56 -5.23 -10.78
N GLU A 112 -12.42 -4.95 -10.12
CA GLU A 112 -11.90 -5.84 -9.10
C GLU A 112 -11.68 -5.16 -7.76
N GLY A 113 -12.25 -3.96 -7.56
CA GLY A 113 -12.22 -3.31 -6.25
C GLY A 113 -10.81 -3.06 -5.77
N ARG A 114 -10.02 -2.37 -6.60
CA ARG A 114 -8.60 -2.25 -6.36
C ARG A 114 -8.12 -0.84 -5.98
N VAL A 115 -8.89 0.22 -6.23
CA VAL A 115 -8.36 1.57 -6.05
C VAL A 115 -9.42 2.49 -5.45
N ILE A 116 -9.04 3.23 -4.40
CA ILE A 116 -9.83 4.34 -3.89
C ILE A 116 -8.97 5.59 -3.95
N VAL A 117 -9.58 6.70 -4.40
CA VAL A 117 -8.92 8.00 -4.50
C VAL A 117 -9.62 8.95 -3.54
N ALA A 118 -8.88 9.49 -2.57
CA ALA A 118 -9.45 10.42 -1.59
C ALA A 118 -8.72 11.75 -1.67
N GLU A 119 -9.45 12.81 -2.02
CA GLU A 119 -8.85 14.13 -2.15
C GLU A 119 -8.94 14.86 -0.81
N PHE A 120 -7.81 15.36 -0.35
CA PHE A 120 -7.74 16.17 0.85
C PHE A 120 -7.36 17.59 0.48
N ASP A 121 -7.05 18.40 1.49
CA ASP A 121 -6.81 19.83 1.29
C ASP A 121 -5.63 20.07 0.36
N SER A 122 -4.46 19.58 0.74
CA SER A 122 -3.21 19.86 0.05
C SER A 122 -2.66 18.67 -0.72
N PHE A 123 -3.34 17.53 -0.67
CA PHE A 123 -2.84 16.33 -1.34
C PHE A 123 -4.00 15.41 -1.67
N VAL A 124 -3.72 14.47 -2.55
CA VAL A 124 -4.67 13.43 -2.92
C VAL A 124 -4.05 12.09 -2.52
N LEU A 125 -4.83 11.26 -1.85
CA LEU A 125 -4.38 9.94 -1.42
C LEU A 125 -4.99 8.88 -2.32
N VAL A 126 -4.15 8.02 -2.87
CA VAL A 126 -4.61 6.87 -3.62
C VAL A 126 -4.15 5.64 -2.87
N THR A 127 -5.07 4.71 -2.65
CA THR A 127 -4.66 3.40 -2.17
C THR A 127 -5.02 2.37 -3.22
N ALA A 128 -4.12 1.40 -3.40
CA ALA A 128 -4.25 0.44 -4.48
C ALA A 128 -3.85 -0.95 -4.01
N TYR A 129 -4.55 -1.93 -4.57
CA TYR A 129 -4.17 -3.34 -4.51
C TYR A 129 -3.91 -3.74 -5.96
N VAL A 130 -2.64 -3.75 -6.34
CA VAL A 130 -2.24 -3.97 -7.74
C VAL A 130 -2.45 -5.44 -8.09
N PRO A 131 -2.92 -5.75 -9.31
CA PRO A 131 -3.12 -7.15 -9.70
C PRO A 131 -1.84 -7.98 -9.61
N ASN A 132 -1.93 -9.07 -8.88
CA ASN A 132 -0.84 -10.05 -8.82
C ASN A 132 -0.70 -10.72 -10.16
N ALA A 133 0.53 -10.96 -10.58
CA ALA A 133 0.73 -11.60 -11.88
C ALA A 133 0.35 -13.07 -11.89
N GLY A 134 0.13 -13.66 -10.72
CA GLY A 134 -0.49 -14.97 -10.61
C GLY A 134 0.50 -16.12 -10.63
N ARG A 135 0.04 -17.27 -10.16
CA ARG A 135 0.80 -18.50 -10.29
C ARG A 135 1.06 -18.78 -11.77
N GLY A 136 2.29 -19.17 -12.07
CA GLY A 136 2.70 -19.38 -13.44
C GLY A 136 2.67 -18.13 -14.31
N LEU A 137 2.55 -16.95 -13.67
CA LEU A 137 2.49 -15.68 -14.39
C LEU A 137 1.31 -15.63 -15.35
N VAL A 138 0.23 -16.34 -15.02
CA VAL A 138 -0.91 -16.43 -15.92
C VAL A 138 -1.50 -15.06 -16.19
N ARG A 139 -1.28 -14.10 -15.30
CA ARG A 139 -1.87 -12.77 -15.45
C ARG A 139 -0.83 -11.72 -15.78
N LEU A 140 0.37 -12.10 -16.21
CA LEU A 140 1.42 -11.11 -16.40
C LEU A 140 1.08 -10.14 -17.53
N GLU A 141 0.49 -10.64 -18.62
CA GLU A 141 0.12 -9.73 -19.71
C GLU A 141 -0.94 -8.73 -19.25
N TYR A 142 -1.93 -9.19 -18.49
CA TYR A 142 -2.92 -8.26 -17.95
C TYR A 142 -2.25 -7.26 -17.01
N ARG A 143 -1.33 -7.72 -16.18
CA ARG A 143 -0.64 -6.82 -15.26
C ARG A 143 0.11 -5.72 -16.01
N GLN A 144 0.66 -6.06 -17.17
CA GLN A 144 1.36 -5.03 -17.97
C GLN A 144 0.37 -3.95 -18.44
N ARG A 145 -0.81 -4.38 -18.87
CA ARG A 145 -1.85 -3.41 -19.24
C ARG A 145 -2.25 -2.56 -18.04
N TRP A 146 -2.46 -3.21 -16.89
CA TRP A 146 -2.77 -2.46 -15.68
C TRP A 146 -1.69 -1.42 -15.39
N ASP A 147 -0.43 -1.83 -15.46
CA ASP A 147 0.67 -0.92 -15.10
C ASP A 147 0.62 0.34 -15.94
N GLU A 148 0.42 0.19 -17.24
CA GLU A 148 0.38 1.36 -18.11
C GLU A 148 -0.80 2.26 -17.80
N ALA A 149 -2.00 1.67 -17.63
CA ALA A 149 -3.18 2.48 -17.37
C ALA A 149 -3.09 3.19 -16.03
N PHE A 150 -2.55 2.51 -15.02
CA PHE A 150 -2.41 3.10 -13.69
C PHE A 150 -1.43 4.25 -13.71
N ARG A 151 -0.28 4.04 -14.37
CA ARG A 151 0.74 5.08 -14.53
C ARG A 151 0.15 6.32 -15.18
N LYS A 152 -0.59 6.14 -16.28
CA LYS A 152 -1.21 7.27 -16.97
C LYS A 152 -2.23 7.95 -16.08
N PHE A 153 -3.02 7.17 -15.34
CA PHE A 153 -4.01 7.76 -14.43
C PHE A 153 -3.34 8.59 -13.35
N LEU A 154 -2.25 8.08 -12.76
CA LEU A 154 -1.60 8.80 -11.67
C LEU A 154 -0.88 10.05 -12.18
N LYS A 155 -0.31 9.97 -13.40
CA LYS A 155 0.31 11.16 -13.98
C LYS A 155 -0.69 12.29 -14.09
N GLY A 156 -1.91 11.99 -14.56
CA GLY A 156 -2.92 13.02 -14.64
C GLY A 156 -3.35 13.52 -13.27
N LEU A 157 -3.53 12.60 -12.31
CA LEU A 157 -3.88 12.97 -10.96
C LEU A 157 -2.83 13.90 -10.36
N ALA A 158 -1.55 13.55 -10.52
CA ALA A 158 -0.46 14.31 -9.92
C ALA A 158 -0.21 15.65 -10.60
N SER A 159 -0.83 15.89 -11.77
CA SER A 159 -0.70 17.17 -12.44
C SER A 159 -1.49 18.27 -11.75
N ARG A 160 -2.47 17.91 -10.90
CA ARG A 160 -3.34 18.88 -10.26
C ARG A 160 -3.12 19.03 -8.76
N LYS A 161 -2.58 18.01 -8.08
CA LYS A 161 -2.39 18.08 -6.64
C LYS A 161 -1.32 17.07 -6.24
N PRO A 162 -0.56 17.34 -5.17
CA PRO A 162 0.46 16.38 -4.74
C PRO A 162 -0.19 15.06 -4.33
N LEU A 163 0.52 13.96 -4.61
CA LEU A 163 -0.02 12.62 -4.51
C LEU A 163 0.71 11.81 -3.45
N VAL A 164 -0.06 11.07 -2.65
CA VAL A 164 0.43 9.96 -1.86
C VAL A 164 -0.24 8.72 -2.42
N LEU A 165 0.56 7.79 -2.94
CA LEU A 165 0.07 6.49 -3.37
C LEU A 165 0.56 5.45 -2.36
N CYS A 166 -0.35 4.69 -1.81
CA CYS A 166 0.07 3.65 -0.87
C CYS A 166 -0.66 2.36 -1.20
N GLY A 167 -0.04 1.26 -0.80
CA GLY A 167 -0.73 -0.01 -0.90
C GLY A 167 0.22 -1.13 -1.27
N ASP A 168 -0.39 -2.25 -1.60
CA ASP A 168 0.32 -3.45 -2.03
C ASP A 168 0.46 -3.32 -3.54
N LEU A 169 1.65 -2.95 -3.99
CA LEU A 169 1.87 -2.74 -5.42
C LEU A 169 2.39 -3.99 -6.11
N ASN A 170 2.51 -5.11 -5.39
CA ASN A 170 2.80 -6.43 -5.95
C ASN A 170 4.01 -6.42 -6.88
N VAL A 171 5.06 -5.73 -6.43
CA VAL A 171 6.36 -5.77 -7.08
C VAL A 171 7.42 -5.43 -6.04
N ALA A 172 8.51 -6.19 -6.08
CA ALA A 172 9.74 -5.84 -5.35
C ALA A 172 10.64 -5.14 -6.37
N HIS A 173 10.88 -3.84 -6.19
CA HIS A 173 11.48 -3.04 -7.25
C HIS A 173 12.86 -3.56 -7.65
N GLU A 174 13.74 -3.74 -6.68
CA GLU A 174 15.14 -4.04 -6.93
C GLU A 174 15.54 -5.26 -6.10
N GLU A 175 16.76 -5.75 -6.35
CA GLU A 175 17.24 -6.93 -5.63
C GLU A 175 17.19 -6.72 -4.12
N ILE A 176 17.47 -5.51 -3.65
CA ILE A 176 17.47 -5.25 -2.21
C ILE A 176 16.08 -5.43 -1.62
N ASP A 177 15.05 -5.45 -2.45
CA ASP A 177 13.68 -5.52 -1.96
C ASP A 177 13.18 -6.94 -1.76
N LEU A 178 14.01 -7.98 -1.93
CA LEU A 178 13.54 -9.32 -1.59
C LEU A 178 14.71 -10.20 -1.22
N ARG A 179 14.43 -11.23 -0.42
CA ARG A 179 15.51 -12.04 0.13
C ARG A 179 16.15 -12.94 -0.93
N ASN A 180 15.37 -13.38 -1.91
CA ASN A 180 15.84 -14.32 -2.92
C ASN A 180 15.55 -13.75 -4.31
N PRO A 181 16.38 -12.83 -4.81
CA PRO A 181 16.10 -12.26 -6.14
C PRO A 181 16.28 -13.26 -7.26
N LYS A 182 17.42 -13.95 -7.26
CA LYS A 182 17.74 -14.85 -8.37
C LYS A 182 16.67 -15.90 -8.56
N GLY A 183 16.18 -16.50 -7.46
CA GLY A 183 15.19 -17.55 -7.54
C GLY A 183 13.81 -17.08 -7.94
N ASN A 184 13.58 -15.77 -7.98
CA ASN A 184 12.24 -15.24 -8.19
C ASN A 184 12.10 -14.40 -9.45
N LYS A 185 13.14 -14.35 -10.29
CA LYS A 185 13.10 -13.48 -11.46
C LYS A 185 12.06 -13.93 -12.48
N LYS A 186 11.48 -15.12 -12.32
CA LYS A 186 10.40 -15.57 -13.19
C LYS A 186 9.14 -15.88 -12.39
N ASN A 187 9.00 -15.24 -11.23
CA ASN A 187 7.85 -15.41 -10.36
C ASN A 187 7.16 -14.06 -10.15
N ALA A 188 5.86 -14.11 -9.88
CA ALA A 188 5.09 -12.88 -9.71
C ALA A 188 5.71 -11.99 -8.66
N GLY A 189 5.89 -10.73 -9.01
CA GLY A 189 6.44 -9.75 -8.10
C GLY A 189 7.88 -9.38 -8.40
N PHE A 190 8.59 -10.21 -9.18
CA PHE A 190 9.98 -9.85 -9.48
C PHE A 190 10.34 -10.11 -10.96
N THR A 191 9.35 -10.16 -11.84
CA THR A 191 9.64 -10.27 -13.26
C THR A 191 10.24 -8.96 -13.78
N PRO A 192 11.05 -9.03 -14.84
CA PRO A 192 11.54 -7.78 -15.47
C PRO A 192 10.40 -6.86 -15.86
N GLN A 193 9.29 -7.41 -16.35
CA GLN A 193 8.16 -6.58 -16.76
C GLN A 193 7.61 -5.79 -15.58
N GLU A 194 7.41 -6.45 -14.44
CA GLU A 194 6.86 -5.76 -13.28
C GLU A 194 7.85 -4.73 -12.73
N ARG A 195 9.13 -5.09 -12.66
CA ARG A 195 10.13 -4.18 -12.11
C ARG A 195 10.28 -2.96 -12.98
N GLN A 196 10.34 -3.16 -14.31
CA GLN A 196 10.43 -2.04 -15.23
C GLN A 196 9.20 -1.16 -15.13
N GLY A 197 8.01 -1.77 -14.96
CA GLY A 197 6.81 -0.96 -14.79
C GLY A 197 6.89 -0.07 -13.57
N PHE A 198 7.42 -0.60 -12.47
CA PHE A 198 7.57 0.19 -11.26
C PHE A 198 8.57 1.32 -11.47
N GLY A 199 9.73 1.02 -12.06
CA GLY A 199 10.67 2.08 -12.39
C GLY A 199 10.08 3.16 -13.28
N GLU A 200 9.27 2.75 -14.27
CA GLU A 200 8.65 3.74 -15.15
C GLU A 200 7.62 4.56 -14.40
N LEU A 201 6.87 3.94 -13.49
CA LEU A 201 5.95 4.69 -12.64
C LEU A 201 6.68 5.77 -11.85
N LEU A 202 7.81 5.44 -11.23
CA LEU A 202 8.52 6.45 -10.45
C LEU A 202 9.01 7.59 -11.34
N GLN A 203 9.48 7.28 -12.54
CA GLN A 203 10.05 8.31 -13.41
C GLN A 203 8.98 9.14 -14.10
N ALA A 204 7.85 8.52 -14.44
CA ALA A 204 6.86 9.17 -15.31
C ALA A 204 6.00 10.16 -14.55
N VAL A 205 5.60 9.83 -13.32
CA VAL A 205 4.57 10.62 -12.66
C VAL A 205 5.09 12.01 -12.31
N PRO A 206 6.30 12.15 -11.60
CA PRO A 206 7.39 11.16 -10.89
C PRO A 206 6.82 11.04 -9.47
N LEU A 207 7.20 9.94 -8.91
CA LEU A 207 6.97 9.64 -7.51
C LEU A 207 8.26 9.13 -6.89
N ALA A 208 8.43 9.40 -5.60
CA ALA A 208 9.56 8.90 -4.84
C ALA A 208 9.11 7.76 -3.93
N ASP A 209 9.93 6.72 -3.86
CA ASP A 209 9.70 5.58 -2.96
C ASP A 209 10.15 6.02 -1.57
N SER A 210 9.18 6.33 -0.69
CA SER A 210 9.50 7.03 0.56
C SER A 210 10.50 6.26 1.40
N PHE A 211 10.27 4.94 1.56
CA PHE A 211 11.16 4.15 2.38
C PHE A 211 12.58 4.12 1.80
N ARG A 212 12.69 3.86 0.49
CA ARG A 212 14.02 3.73 -0.09
C ARG A 212 14.72 5.08 -0.19
N HIS A 213 13.95 6.16 -0.31
CA HIS A 213 14.53 7.50 -0.25
C HIS A 213 15.24 7.73 1.08
N LEU A 214 14.62 7.34 2.18
CA LEU A 214 15.19 7.54 3.51
C LEU A 214 16.26 6.52 3.84
N TYR A 215 16.12 5.29 3.33
CA TYR A 215 16.98 4.16 3.70
C TYR A 215 17.50 3.52 2.42
N PRO A 216 18.34 4.26 1.66
CA PRO A 216 18.71 3.78 0.33
C PRO A 216 19.52 2.51 0.32
N ASN A 217 20.22 2.20 1.41
CA ASN A 217 21.15 1.09 1.43
C ASN A 217 20.76 0.01 2.42
N THR A 218 19.55 0.08 2.99
CA THR A 218 19.14 -0.82 4.05
C THR A 218 18.56 -2.11 3.48
N PRO A 219 19.19 -3.26 3.67
CA PRO A 219 18.65 -4.53 3.15
C PRO A 219 17.76 -5.23 4.17
N TYR A 220 17.14 -6.31 3.70
CA TYR A 220 16.36 -7.26 4.50
C TYR A 220 15.09 -6.65 5.08
N ALA A 221 14.60 -5.56 4.48
CA ALA A 221 13.42 -4.84 4.95
C ALA A 221 12.26 -5.21 4.03
N TYR A 222 11.35 -6.05 4.53
CA TYR A 222 10.29 -6.65 3.72
C TYR A 222 8.94 -6.38 4.35
N THR A 223 7.90 -6.46 3.53
CA THR A 223 6.54 -6.27 4.03
C THR A 223 5.64 -7.47 3.76
N PHE A 224 6.15 -8.52 3.11
CA PHE A 224 5.40 -9.71 2.80
C PHE A 224 6.30 -10.93 2.98
N TRP A 225 5.73 -12.00 3.53
CA TRP A 225 6.41 -13.28 3.61
C TRP A 225 5.37 -14.35 3.33
N THR A 226 5.72 -15.35 2.52
CA THR A 226 4.77 -16.42 2.27
C THR A 226 4.35 -17.06 3.58
N TYR A 227 3.06 -17.38 3.69
CA TYR A 227 2.58 -18.12 4.85
C TYR A 227 3.32 -19.42 5.05
N MET A 228 3.71 -20.07 3.95
CA MET A 228 4.28 -21.40 4.06
C MET A 228 5.77 -21.34 4.43
N MET A 229 6.27 -22.50 4.86
CA MET A 229 7.70 -22.74 5.07
C MET A 229 8.32 -21.83 6.12
N ASN A 230 7.51 -21.32 7.06
CA ASN A 230 7.98 -20.47 8.14
C ASN A 230 8.76 -19.26 7.62
N ALA A 231 8.36 -18.76 6.45
CA ALA A 231 9.14 -17.70 5.81
C ALA A 231 9.25 -16.46 6.69
N ARG A 232 8.16 -16.09 7.37
CA ARG A 232 8.21 -14.85 8.14
C ARG A 232 9.19 -14.95 9.30
N SER A 233 9.21 -16.09 10.00
CA SER A 233 10.15 -16.22 11.11
C SER A 233 11.59 -16.22 10.62
N LYS A 234 11.82 -16.59 9.36
CA LYS A 234 13.14 -16.64 8.74
C LYS A 234 13.48 -15.37 7.99
N ASN A 235 12.56 -14.41 7.97
CA ASN A 235 12.68 -13.17 7.19
C ASN A 235 13.01 -13.44 5.72
N VAL A 236 12.41 -14.48 5.16
CA VAL A 236 12.48 -14.71 3.71
C VAL A 236 11.28 -13.97 3.14
N GLY A 237 11.49 -12.70 2.77
CA GLY A 237 10.39 -11.82 2.44
C GLY A 237 10.64 -10.98 1.22
N TRP A 238 9.64 -10.14 0.93
CA TRP A 238 9.61 -9.25 -0.22
C TRP A 238 9.08 -7.92 0.27
N ARG A 239 9.61 -6.82 -0.25
CA ARG A 239 8.99 -5.52 0.03
C ARG A 239 8.04 -5.22 -1.12
N LEU A 240 6.74 -5.38 -0.87
CA LEU A 240 5.68 -5.19 -1.86
C LEU A 240 4.81 -4.00 -1.56
N ASP A 241 4.91 -3.42 -0.36
CA ASP A 241 4.01 -2.39 0.12
C ASP A 241 4.79 -1.09 0.25
N TYR A 242 4.24 -0.03 -0.33
CA TYR A 242 4.97 1.22 -0.52
C TYR A 242 4.12 2.43 -0.15
N PHE A 243 4.79 3.51 0.26
CA PHE A 243 4.27 4.87 0.16
C PHE A 243 5.07 5.58 -0.91
N LEU A 244 4.43 5.91 -2.03
CA LEU A 244 5.07 6.68 -3.09
C LEU A 244 4.54 8.11 -3.05
N LEU A 245 5.45 9.09 -3.10
CA LEU A 245 5.10 10.48 -2.85
C LEU A 245 5.48 11.37 -4.02
N SER A 246 4.60 12.30 -4.36
CA SER A 246 5.03 13.43 -5.17
C SER A 246 6.24 14.07 -4.52
N HIS A 247 7.16 14.57 -5.36
CA HIS A 247 8.42 15.09 -4.82
C HIS A 247 8.19 16.27 -3.87
N SER A 248 7.15 17.07 -4.12
CA SER A 248 6.88 18.23 -3.28
C SER A 248 6.52 17.85 -1.84
N LEU A 249 6.25 16.57 -1.58
CA LEU A 249 6.02 16.13 -0.21
C LEU A 249 7.29 15.65 0.48
N LEU A 250 8.41 15.56 -0.24
CA LEU A 250 9.65 15.13 0.40
C LEU A 250 10.10 16.06 1.53
N PRO A 251 9.94 17.38 1.45
CA PRO A 251 10.27 18.23 2.61
C PRO A 251 9.38 17.98 3.81
N ALA A 252 8.20 17.39 3.63
CA ALA A 252 7.31 17.07 4.74
C ALA A 252 7.49 15.65 5.24
N LEU A 253 8.33 14.85 4.59
CA LEU A 253 8.47 13.44 4.95
C LEU A 253 9.28 13.33 6.23
N CYS A 254 8.66 12.74 7.25
CA CYS A 254 9.35 12.47 8.51
C CYS A 254 9.88 11.05 8.53
N ASP A 255 9.03 10.07 8.21
CA ASP A 255 9.51 8.70 8.19
C ASP A 255 8.54 7.84 7.41
N SER A 256 9.06 6.69 7.01
CA SER A 256 8.32 5.64 6.33
C SER A 256 8.70 4.35 7.01
N LYS A 257 7.75 3.75 7.72
CA LYS A 257 8.01 2.63 8.61
C LYS A 257 7.49 1.33 8.03
N ILE A 258 8.13 0.25 8.46
CA ILE A 258 7.70 -1.11 8.18
C ILE A 258 7.41 -1.77 9.53
N ARG A 259 6.15 -2.08 9.80
CA ARG A 259 5.74 -2.57 11.12
C ARG A 259 5.87 -4.10 11.19
N SER A 260 7.14 -4.53 11.22
CA SER A 260 7.49 -5.94 11.02
C SER A 260 6.81 -6.87 12.01
N LYS A 261 6.54 -6.38 13.21
CA LYS A 261 6.06 -7.26 14.27
C LYS A 261 4.55 -7.31 14.38
N ALA A 262 3.84 -6.50 13.59
CA ALA A 262 2.38 -6.49 13.65
C ALA A 262 1.84 -7.69 12.89
N LEU A 263 1.08 -8.53 13.58
CA LEU A 263 0.60 -9.77 13.01
C LEU A 263 -0.82 -9.61 12.47
N GLY A 264 -1.25 -10.63 11.72
CA GLY A 264 -2.61 -10.64 11.22
C GLY A 264 -2.75 -11.02 9.76
N SER A 265 -1.64 -11.05 9.03
CA SER A 265 -1.68 -11.23 7.59
C SER A 265 -0.33 -11.78 7.14
N ASP A 266 -0.22 -12.16 5.86
CA ASP A 266 1.10 -12.43 5.29
C ASP A 266 1.83 -11.15 4.91
N HIS A 267 1.17 -10.00 4.94
CA HIS A 267 1.83 -8.71 4.87
C HIS A 267 1.82 -8.05 6.25
N CYS A 268 2.79 -7.19 6.49
CA CYS A 268 2.76 -6.34 7.68
C CYS A 268 2.33 -4.94 7.29
N PRO A 269 1.89 -4.11 8.24
CA PRO A 269 1.53 -2.73 7.90
C PRO A 269 2.75 -1.90 7.58
N ILE A 270 2.52 -0.82 6.86
CA ILE A 270 3.49 0.24 6.68
C ILE A 270 2.87 1.55 7.15
N THR A 271 3.70 2.44 7.68
CA THR A 271 3.18 3.67 8.27
C THR A 271 4.01 4.86 7.79
N LEU A 272 3.32 5.92 7.37
CA LEU A 272 3.96 7.14 6.89
C LEU A 272 3.69 8.28 7.86
N TYR A 273 4.73 9.07 8.16
CA TYR A 273 4.63 10.28 8.96
C TYR A 273 4.96 11.48 8.08
N LEU A 274 4.03 12.42 7.97
CA LEU A 274 4.25 13.65 7.22
C LEU A 274 4.03 14.85 8.15
N ALA A 275 4.85 15.89 7.94
CA ALA A 275 4.65 17.18 8.61
C ALA A 275 3.84 18.06 7.66
N LEU A 276 2.53 17.88 7.69
CA LEU A 276 1.66 18.55 6.73
C LEU A 276 0.59 19.39 7.40
MG MG B . -4.00 -12.98 0.14
C1 GOL C . -2.58 -13.97 -3.05
O1 GOL C . -3.48 -14.51 -2.13
C2 GOL C . -2.62 -12.44 -2.87
O2 GOL C . -2.38 -12.11 -1.51
C3 GOL C . -1.48 -11.93 -3.84
O3 GOL C . -1.60 -10.53 -3.97
C1 GOL D . 2.84 -11.99 -2.95
O1 GOL D . 1.60 -12.61 -2.75
C2 GOL D . 3.64 -12.96 -3.89
O2 GOL D . 3.05 -13.09 -5.13
C3 GOL D . 5.12 -12.44 -3.96
O3 GOL D . 5.15 -11.43 -4.95
#